data_8X2R
#
_entry.id   8X2R
#
_cell.length_a   65.712
_cell.length_b   88.653
_cell.length_c   99.864
_cell.angle_alpha   90.000
_cell.angle_beta   90.000
_cell.angle_gamma   90.000
#
_symmetry.space_group_name_H-M   'I 2 2 2'
#
loop_
_entity.id
_entity.type
_entity.pdbx_description
1 polymer 'Heat shock protein HSP 90-alpha'
2 non-polymer GLYCEROL
3 non-polymer 1,2-ETHANEDIOL
4 water water
#
_entity_poly.entity_id   1
_entity_poly.type   'polypeptide(L)'
_entity_poly.pdbx_seq_one_letter_code
;MPEETQTQDQPMEEEEVETFAFQAEIAQLMSLIINTFYSNKEIFLRELISNASDALDKIRYESLTDPSKLDSGKELHINL
IPNKQDRTLTIVDTGIGMTKADLINNLGTIAKSGTKAFMEALQAGADISMIGQFGVGFYSAYLVAEKVTVITKHNDDEQY
AWESSAGGSFTVRTDTGEPMGRGTKVILHLKEDQTEYLEERRIKEIVKKHSQFIGYPITLFVEKERDKEVSDDEAE
;
_entity_poly.pdbx_strand_id   A
#
loop_
_chem_comp.id
_chem_comp.type
_chem_comp.name
_chem_comp.formula
EDO non-polymer 1,2-ETHANEDIOL 'C2 H6 O2'
GOL non-polymer GLYCEROL 'C3 H8 O3'
#
# COMPACT_ATOMS: atom_id res chain seq x y z
N GLU A 16 -0.04 19.51 -13.34
CA GLU A 16 -0.77 20.18 -12.22
C GLU A 16 -0.70 19.27 -10.99
N VAL A 17 0.14 19.62 -10.01
CA VAL A 17 0.42 18.78 -8.82
C VAL A 17 -0.07 19.55 -7.59
N GLU A 18 -0.92 18.93 -6.78
CA GLU A 18 -1.42 19.49 -5.51
C GLU A 18 -0.60 18.88 -4.37
N THR A 19 -0.17 19.74 -3.45
CA THR A 19 0.62 19.32 -2.29
C THR A 19 -0.22 19.56 -1.04
N PHE A 20 -0.27 18.54 -0.20
CA PHE A 20 -1.09 18.51 1.02
C PHE A 20 -0.20 18.18 2.20
N ALA A 21 -0.53 18.76 3.37
CA ALA A 21 0.10 18.36 4.64
C ALA A 21 -0.60 17.11 5.20
N PHE A 22 0.17 16.13 5.66
CA PHE A 22 -0.40 15.08 6.51
C PHE A 22 -0.99 15.74 7.74
N GLN A 23 -2.09 15.19 8.22
CA GLN A 23 -2.53 15.43 9.61
C GLN A 23 -1.36 15.14 10.55
N ALA A 24 -1.25 15.91 11.62
CA ALA A 24 -0.11 15.82 12.55
C ALA A 24 0.08 14.38 13.04
N GLU A 25 -1.02 13.69 13.31
CA GLU A 25 -1.00 12.33 13.89
C GLU A 25 -0.41 11.36 12.86
N ILE A 26 -0.68 11.59 11.59
CA ILE A 26 -0.17 10.69 10.50
C ILE A 26 1.31 10.99 10.28
N ALA A 27 1.71 12.26 10.34
CA ALA A 27 3.13 12.60 10.26
C ALA A 27 3.87 11.92 11.43
N GLN A 28 3.27 11.92 12.62
CA GLN A 28 3.86 11.27 13.84
CA GLN A 28 3.88 11.28 13.81
C GLN A 28 4.02 9.77 13.57
N LEU A 29 2.98 9.12 13.02
CA LEU A 29 3.01 7.67 12.71
C LEU A 29 4.17 7.39 11.76
N MET A 30 4.28 8.21 10.72
CA MET A 30 5.33 8.02 9.68
C MET A 30 6.71 8.19 10.29
N SER A 31 6.91 9.20 11.14
CA SER A 31 8.21 9.44 11.81
CA SER A 31 8.25 9.41 11.75
CA SER A 31 8.22 9.44 11.82
C SER A 31 8.56 8.26 12.72
N LEU A 32 7.56 7.71 13.40
CA LEU A 32 7.79 6.56 14.31
C LEU A 32 8.24 5.35 13.47
N ILE A 33 7.58 5.14 12.34
CA ILE A 33 7.91 3.97 11.49
C ILE A 33 9.32 4.13 10.93
N ILE A 34 9.69 5.35 10.54
CA ILE A 34 10.99 5.62 9.88
C ILE A 34 12.11 5.60 10.91
N ASN A 35 11.86 6.09 12.12
CA ASN A 35 12.97 6.37 13.07
C ASN A 35 13.12 5.30 14.16
N THR A 36 12.12 4.46 14.39
CA THR A 36 12.19 3.45 15.47
C THR A 36 13.11 2.33 15.01
N PHE A 37 14.05 1.91 15.86
CA PHE A 37 14.85 0.70 15.58
C PHE A 37 13.92 -0.52 15.68
N TYR A 38 13.78 -1.24 14.58
CA TYR A 38 12.83 -2.38 14.49
C TYR A 38 13.24 -3.27 13.31
N SER A 39 13.79 -4.43 13.62
CA SER A 39 14.47 -5.27 12.61
C SER A 39 13.49 -6.01 11.70
N ASN A 40 12.26 -6.26 12.15
CA ASN A 40 11.30 -7.16 11.47
C ASN A 40 10.53 -6.38 10.39
N LYS A 41 11.27 -5.80 9.45
CA LYS A 41 10.69 -4.93 8.40
C LYS A 41 9.82 -5.70 7.42
N GLU A 42 10.03 -7.02 7.30
CA GLU A 42 9.40 -7.80 6.20
C GLU A 42 7.87 -7.76 6.29
N ILE A 43 7.30 -7.43 7.43
CA ILE A 43 5.82 -7.39 7.62
C ILE A 43 5.18 -6.35 6.71
N PHE A 44 5.94 -5.40 6.14
CA PHE A 44 5.32 -4.41 5.20
C PHE A 44 4.55 -5.19 4.12
N LEU A 45 5.14 -6.30 3.64
CA LEU A 45 4.55 -6.96 2.46
C LEU A 45 3.23 -7.64 2.85
N ARG A 46 3.17 -8.22 4.05
CA ARG A 46 1.91 -8.81 4.58
C ARG A 46 0.84 -7.72 4.62
N GLU A 47 1.21 -6.55 5.11
CA GLU A 47 0.24 -5.46 5.31
C GLU A 47 -0.29 -4.98 3.97
N LEU A 48 0.60 -4.84 2.97
CA LEU A 48 0.15 -4.33 1.65
C LEU A 48 -0.66 -5.40 0.89
N ILE A 49 -0.29 -6.66 1.06
CA ILE A 49 -1.10 -7.75 0.45
C ILE A 49 -2.46 -7.84 1.15
N SER A 50 -2.51 -7.63 2.48
CA SER A 50 -3.79 -7.60 3.20
C SER A 50 -4.67 -6.45 2.69
N ASN A 51 -4.07 -5.27 2.48
CA ASN A 51 -4.83 -4.11 1.96
C ASN A 51 -5.37 -4.43 0.57
N ALA A 52 -4.56 -5.10 -0.24
CA ALA A 52 -4.95 -5.47 -1.61
C ALA A 52 -6.16 -6.42 -1.54
N SER A 53 -6.07 -7.40 -0.66
CA SER A 53 -7.17 -8.38 -0.46
C SER A 53 -8.44 -7.62 -0.02
N ASP A 54 -8.31 -6.69 0.90
CA ASP A 54 -9.49 -5.93 1.37
C ASP A 54 -10.13 -5.15 0.21
N ALA A 55 -9.32 -4.55 -0.68
CA ALA A 55 -9.84 -3.78 -1.82
C ALA A 55 -10.57 -4.70 -2.80
N LEU A 56 -10.00 -5.89 -3.01
CA LEU A 56 -10.61 -6.90 -3.91
C LEU A 56 -11.93 -7.38 -3.32
N ASP A 57 -12.00 -7.55 -2.00
CA ASP A 57 -13.26 -7.96 -1.35
C ASP A 57 -14.34 -6.91 -1.60
N LYS A 58 -13.97 -5.62 -1.55
CA LYS A 58 -14.97 -4.53 -1.68
C LYS A 58 -15.59 -4.56 -3.09
N ILE A 59 -14.76 -4.71 -4.12
CA ILE A 59 -15.33 -4.67 -5.50
C ILE A 59 -16.10 -5.97 -5.73
N ARG A 60 -15.64 -7.08 -5.16
CA ARG A 60 -16.41 -8.35 -5.29
CA ARG A 60 -16.41 -8.34 -5.30
C ARG A 60 -17.81 -8.14 -4.68
N TYR A 61 -17.85 -7.56 -3.48
CA TYR A 61 -19.15 -7.37 -2.79
C TYR A 61 -20.05 -6.50 -3.67
N GLU A 62 -19.57 -5.38 -4.17
CA GLU A 62 -20.39 -4.49 -5.04
C GLU A 62 -20.89 -5.28 -6.25
N SER A 63 -20.04 -6.15 -6.81
CA SER A 63 -20.34 -6.91 -8.05
C SER A 63 -21.50 -7.89 -7.81
N LEU A 64 -21.76 -8.29 -6.56
CA LEU A 64 -22.80 -9.32 -6.28
C LEU A 64 -24.18 -8.78 -6.63
N THR A 65 -24.41 -7.47 -6.55
CA THR A 65 -25.74 -6.84 -6.82
C THR A 65 -25.68 -6.01 -8.10
N ASP A 66 -24.49 -5.78 -8.66
CA ASP A 66 -24.31 -4.96 -9.89
C ASP A 66 -23.14 -5.52 -10.68
N PRO A 67 -23.37 -6.49 -11.57
CA PRO A 67 -22.27 -7.10 -12.33
C PRO A 67 -21.46 -6.07 -13.13
N SER A 68 -22.09 -4.94 -13.52
CA SER A 68 -21.44 -3.89 -14.33
C SER A 68 -20.25 -3.29 -13.58
N LYS A 69 -20.16 -3.47 -12.26
CA LYS A 69 -18.99 -2.98 -11.47
C LYS A 69 -17.70 -3.60 -11.99
N LEU A 70 -17.75 -4.77 -12.62
CA LEU A 70 -16.52 -5.44 -13.11
C LEU A 70 -16.29 -5.18 -14.60
N ASP A 71 -17.03 -4.23 -15.20
CA ASP A 71 -16.84 -3.88 -16.64
C ASP A 71 -15.42 -3.35 -16.83
N SER A 72 -14.85 -2.77 -15.79
CA SER A 72 -13.49 -2.19 -15.75
C SER A 72 -12.43 -3.27 -15.54
N GLY A 73 -12.81 -4.54 -15.44
CA GLY A 73 -11.89 -5.68 -15.33
C GLY A 73 -12.47 -6.79 -14.48
N LYS A 74 -12.62 -7.99 -15.04
CA LYS A 74 -13.25 -9.11 -14.30
C LYS A 74 -12.23 -9.79 -13.39
N GLU A 75 -10.93 -9.73 -13.69
CA GLU A 75 -9.90 -10.50 -12.96
C GLU A 75 -9.67 -9.83 -11.60
N LEU A 76 -9.75 -10.61 -10.53
CA LEU A 76 -9.48 -10.15 -9.14
C LEU A 76 -8.19 -10.81 -8.67
N HIS A 77 -7.10 -10.05 -8.66
CA HIS A 77 -5.77 -10.65 -8.41
C HIS A 77 -4.82 -9.65 -7.79
N ILE A 78 -3.69 -10.17 -7.35
CA ILE A 78 -2.58 -9.41 -6.75
C ILE A 78 -1.30 -9.80 -7.50
N ASN A 79 -0.58 -8.82 -8.01
CA ASN A 79 0.73 -9.04 -8.66
C ASN A 79 1.82 -8.37 -7.85
N LEU A 80 2.93 -9.06 -7.67
CA LEU A 80 4.14 -8.52 -7.01
C LEU A 80 5.19 -8.37 -8.10
N ILE A 81 5.66 -7.15 -8.34
CA ILE A 81 6.54 -6.85 -9.48
C ILE A 81 7.82 -6.19 -8.99
N PRO A 82 8.90 -6.96 -8.82
CA PRO A 82 10.20 -6.40 -8.49
C PRO A 82 10.86 -5.87 -9.76
N ASN A 83 11.59 -4.79 -9.61
CA ASN A 83 12.37 -4.17 -10.70
C ASN A 83 13.72 -3.71 -10.13
N LYS A 84 14.77 -4.47 -10.37
CA LYS A 84 16.10 -4.16 -9.77
C LYS A 84 16.69 -2.92 -10.42
N GLN A 85 16.38 -2.64 -11.70
CA GLN A 85 16.94 -1.45 -12.40
C GLN A 85 16.42 -0.17 -11.71
N ASP A 86 15.12 -0.13 -11.37
CA ASP A 86 14.40 1.04 -10.82
C ASP A 86 14.46 1.00 -9.29
N ARG A 87 14.93 -0.10 -8.70
CA ARG A 87 14.94 -0.39 -7.24
C ARG A 87 13.51 -0.19 -6.71
N THR A 88 12.52 -0.79 -7.38
CA THR A 88 11.11 -0.68 -6.96
C THR A 88 10.51 -2.06 -6.76
N LEU A 89 9.66 -2.17 -5.76
CA LEU A 89 8.75 -3.32 -5.60
C LEU A 89 7.35 -2.78 -5.74
N THR A 90 6.57 -3.30 -6.66
CA THR A 90 5.22 -2.81 -6.93
C THR A 90 4.20 -3.89 -6.54
N ILE A 91 3.22 -3.52 -5.74
CA ILE A 91 2.10 -4.39 -5.33
C ILE A 91 0.86 -3.87 -6.06
N VAL A 92 0.36 -4.67 -7.00
CA VAL A 92 -0.77 -4.30 -7.89
C VAL A 92 -1.97 -5.14 -7.46
N ASP A 93 -3.12 -4.49 -7.32
CA ASP A 93 -4.38 -5.21 -7.15
C ASP A 93 -5.42 -4.64 -8.12
N THR A 94 -6.41 -5.46 -8.44
CA THR A 94 -7.56 -5.05 -9.26
C THR A 94 -8.80 -4.91 -8.38
N GLY A 95 -8.60 -4.36 -7.19
CA GLY A 95 -9.71 -4.09 -6.28
C GLY A 95 -10.50 -2.83 -6.64
N ILE A 96 -11.19 -2.30 -5.62
CA ILE A 96 -12.19 -1.21 -5.83
C ILE A 96 -11.48 0.09 -6.20
N GLY A 97 -10.21 0.24 -5.83
CA GLY A 97 -9.50 1.49 -6.11
C GLY A 97 -9.91 2.58 -5.14
N MET A 98 -9.37 3.77 -5.36
CA MET A 98 -9.62 4.93 -4.48
C MET A 98 -9.98 6.12 -5.35
N THR A 99 -10.95 6.89 -4.90
CA THR A 99 -11.29 8.20 -5.48
C THR A 99 -10.21 9.20 -5.02
N LYS A 100 -10.20 10.36 -5.64
CA LYS A 100 -9.30 11.46 -5.20
C LYS A 100 -9.57 11.73 -3.71
N ALA A 101 -10.83 11.75 -3.30
CA ALA A 101 -11.21 12.06 -1.90
C ALA A 101 -10.64 10.97 -0.99
N ASP A 102 -10.72 9.70 -1.40
CA ASP A 102 -10.14 8.59 -0.61
C ASP A 102 -8.63 8.82 -0.43
N LEU A 103 -7.92 9.17 -1.50
CA LEU A 103 -6.45 9.35 -1.41
C LEU A 103 -6.15 10.43 -0.37
N ILE A 104 -6.85 11.55 -0.47
CA ILE A 104 -6.60 12.71 0.43
C ILE A 104 -6.95 12.30 1.86
N ASN A 105 -7.99 11.50 2.04
CA ASN A 105 -8.46 11.01 3.37
C ASN A 105 -7.62 9.80 3.76
N ASN A 106 -6.30 9.95 3.78
CA ASN A 106 -5.35 8.94 4.27
C ASN A 106 -5.59 7.60 3.57
N LEU A 107 -5.66 7.62 2.24
CA LEU A 107 -5.74 6.37 1.43
C LEU A 107 -6.90 5.50 1.91
N GLY A 108 -8.07 6.11 2.11
CA GLY A 108 -9.30 5.38 2.43
C GLY A 108 -9.29 4.78 3.83
N THR A 109 -8.54 5.36 4.78
CA THR A 109 -8.44 4.83 6.16
C THR A 109 -9.00 5.86 7.14
N ILE A 110 -9.19 5.42 8.38
CA ILE A 110 -9.50 6.35 9.50
C ILE A 110 -8.20 6.51 10.31
N ALA A 111 -7.15 6.93 9.62
CA ALA A 111 -5.77 6.87 10.15
C ALA A 111 -5.59 7.75 11.40
N LYS A 112 -6.34 8.84 11.58
CA LYS A 112 -6.15 9.63 12.83
C LYS A 112 -6.49 8.76 14.04
N SER A 113 -7.66 8.14 14.04
CA SER A 113 -8.11 7.31 15.19
C SER A 113 -7.28 6.01 15.22
N GLY A 114 -6.90 5.47 14.06
CA GLY A 114 -6.08 4.24 14.04
C GLY A 114 -4.70 4.50 14.62
N THR A 115 -4.12 5.66 14.32
CA THR A 115 -2.81 6.02 14.89
C THR A 115 -2.93 6.15 16.41
N LYS A 116 -3.99 6.79 16.90
CA LYS A 116 -4.16 6.98 18.37
C LYS A 116 -4.14 5.59 19.02
N ALA A 117 -4.97 4.68 18.50
CA ALA A 117 -5.10 3.31 19.05
C ALA A 117 -3.74 2.59 18.97
N PHE A 118 -3.03 2.71 17.85
CA PHE A 118 -1.72 2.03 17.67
C PHE A 118 -0.70 2.54 18.70
N MET A 119 -0.63 3.86 18.86
CA MET A 119 0.39 4.43 19.78
CA MET A 119 0.31 4.54 19.80
C MET A 119 0.06 4.05 21.23
N GLU A 120 -1.22 3.95 21.59
CA GLU A 120 -1.66 3.45 22.92
C GLU A 120 -1.20 2.00 23.07
N ALA A 121 -1.38 1.19 22.02
CA ALA A 121 -1.02 -0.25 22.06
C ALA A 121 0.50 -0.38 22.23
N LEU A 122 1.27 0.48 21.55
CA LEU A 122 2.76 0.48 21.63
C LEU A 122 3.20 0.83 23.05
N GLN A 123 2.36 1.54 23.80
CA GLN A 123 2.64 1.85 25.22
C GLN A 123 2.17 0.71 26.13
N ALA A 124 1.33 -0.21 25.63
CA ALA A 124 0.82 -1.39 26.38
C ALA A 124 1.49 -2.68 25.89
N GLY A 125 2.65 -2.58 25.22
CA GLY A 125 3.56 -3.72 24.98
C GLY A 125 3.50 -4.23 23.56
N ALA A 126 2.54 -3.74 22.76
CA ALA A 126 2.45 -4.05 21.32
C ALA A 126 3.76 -3.68 20.61
N ASP A 127 3.97 -4.21 19.41
CA ASP A 127 5.16 -3.86 18.60
C ASP A 127 4.67 -3.43 17.22
N ILE A 128 5.59 -2.91 16.39
CA ILE A 128 5.24 -2.31 15.07
C ILE A 128 4.57 -3.34 14.17
N SER A 129 4.87 -4.62 14.35
CA SER A 129 4.28 -5.67 13.47
C SER A 129 2.75 -5.71 13.61
N MET A 130 2.19 -5.13 14.68
CA MET A 130 0.73 -5.21 14.96
C MET A 130 -0.02 -4.05 14.29
N ILE A 131 0.66 -3.26 13.49
CA ILE A 131 0.12 -2.04 12.85
C ILE A 131 -1.22 -2.32 12.15
N GLY A 132 -1.33 -3.46 11.46
CA GLY A 132 -2.53 -3.76 10.67
C GLY A 132 -3.80 -3.89 11.50
N GLN A 133 -3.65 -4.25 12.78
CA GLN A 133 -4.79 -4.36 13.73
C GLN A 133 -5.43 -2.99 13.94
N PHE A 134 -4.71 -1.92 13.59
CA PHE A 134 -5.15 -0.52 13.80
C PHE A 134 -5.56 0.15 12.49
N GLY A 135 -5.62 -0.59 11.38
CA GLY A 135 -6.17 -0.06 10.12
C GLY A 135 -5.25 0.92 9.42
N VAL A 136 -3.95 0.93 9.76
CA VAL A 136 -2.96 1.89 9.20
C VAL A 136 -1.74 1.13 8.66
N GLY A 137 -1.95 -0.12 8.24
CA GLY A 137 -0.84 -0.95 7.75
C GLY A 137 -0.17 -0.40 6.50
N PHE A 138 -0.88 0.40 5.70
CA PHE A 138 -0.27 1.04 4.52
C PHE A 138 1.07 1.67 4.89
N TYR A 139 1.10 2.38 6.03
CA TYR A 139 2.26 3.22 6.35
C TYR A 139 3.50 2.38 6.71
N SER A 140 3.34 1.07 6.95
CA SER A 140 4.48 0.14 7.13
C SER A 140 5.34 0.09 5.85
N ALA A 141 4.83 0.57 4.71
CA ALA A 141 5.64 0.73 3.48
C ALA A 141 6.93 1.49 3.81
N TYR A 142 6.86 2.44 4.76
CA TYR A 142 8.01 3.32 5.04
C TYR A 142 9.04 2.60 5.92
N LEU A 143 8.82 1.35 6.30
CA LEU A 143 9.89 0.50 6.87
C LEU A 143 10.98 0.25 5.82
N VAL A 144 10.59 0.18 4.54
CA VAL A 144 11.55 -0.24 3.49
C VAL A 144 11.67 0.76 2.35
N ALA A 145 10.72 1.69 2.21
CA ALA A 145 10.65 2.62 1.08
C ALA A 145 11.05 4.02 1.52
N GLU A 146 11.91 4.65 0.74
CA GLU A 146 12.24 6.08 0.87
C GLU A 146 11.12 6.93 0.26
N LYS A 147 10.40 6.38 -0.71
CA LYS A 147 9.31 7.08 -1.40
C LYS A 147 8.27 6.02 -1.76
N VAL A 148 7.01 6.39 -1.65
CA VAL A 148 5.91 5.50 -2.05
C VAL A 148 5.07 6.25 -3.04
N THR A 149 4.84 5.59 -4.17
CA THR A 149 3.96 6.13 -5.17
C THR A 149 2.70 5.23 -5.25
N VAL A 150 1.47 5.79 -5.20
CA VAL A 150 0.22 5.01 -5.26
C VAL A 150 -0.56 5.47 -6.48
N ILE A 151 -0.73 4.57 -7.44
CA ILE A 151 -1.56 4.85 -8.64
C ILE A 151 -2.88 4.11 -8.45
N THR A 152 -3.98 4.77 -8.69
CA THR A 152 -5.29 4.17 -8.38
C THR A 152 -6.34 4.63 -9.37
N LYS A 153 -7.32 3.77 -9.55
CA LYS A 153 -8.47 4.04 -10.41
C LYS A 153 -9.69 3.37 -9.80
N HIS A 154 -10.66 4.20 -9.44
CA HIS A 154 -11.98 3.76 -8.94
C HIS A 154 -12.98 3.95 -10.07
N ASN A 155 -13.98 3.08 -10.15
CA ASN A 155 -15.02 3.18 -11.20
C ASN A 155 -15.62 4.60 -11.23
N ASP A 156 -15.73 5.28 -10.09
CA ASP A 156 -16.46 6.58 -9.99
C ASP A 156 -15.53 7.78 -10.19
N ASP A 157 -14.27 7.58 -10.58
CA ASP A 157 -13.32 8.71 -10.68
C ASP A 157 -12.26 8.44 -11.76
N GLU A 158 -11.40 9.42 -11.98
CA GLU A 158 -10.24 9.34 -12.91
C GLU A 158 -9.06 8.64 -12.22
N GLN A 159 -8.03 8.34 -12.99
CA GLN A 159 -6.80 7.70 -12.44
C GLN A 159 -5.94 8.79 -11.80
N TYR A 160 -5.49 8.54 -10.58
CA TYR A 160 -4.68 9.50 -9.82
C TYR A 160 -3.38 8.84 -9.37
N ALA A 161 -2.36 9.69 -9.14
CA ALA A 161 -1.10 9.31 -8.51
C ALA A 161 -0.94 10.11 -7.22
N TRP A 162 -0.80 9.38 -6.12
CA TRP A 162 -0.44 9.92 -4.80
C TRP A 162 1.04 9.63 -4.59
N GLU A 163 1.77 10.53 -3.94
CA GLU A 163 3.18 10.22 -3.65
C GLU A 163 3.61 10.88 -2.36
N SER A 164 4.54 10.25 -1.67
CA SER A 164 5.14 10.88 -0.48
C SER A 164 6.49 10.26 -0.20
N SER A 165 7.46 11.11 0.15
CA SER A 165 8.75 10.73 0.72
C SER A 165 8.73 11.08 2.21
N ALA A 166 7.53 11.12 2.79
CA ALA A 166 7.32 11.50 4.18
C ALA A 166 7.69 12.98 4.28
N GLY A 167 8.36 13.40 5.34
CA GLY A 167 8.68 14.83 5.45
C GLY A 167 7.45 15.73 5.59
N GLY A 168 6.30 15.15 5.94
CA GLY A 168 5.11 15.85 6.42
C GLY A 168 4.19 16.13 5.27
N SER A 169 4.55 15.72 4.03
CA SER A 169 3.65 16.17 2.91
C SER A 169 3.44 15.01 1.89
N PHE A 170 2.34 15.12 1.13
CA PHE A 170 2.05 14.20 0.00
C PHE A 170 1.53 15.01 -1.16
N THR A 171 1.69 14.46 -2.37
CA THR A 171 1.14 15.07 -3.58
C THR A 171 0.07 14.17 -4.19
N VAL A 172 -0.82 14.82 -4.91
CA VAL A 172 -1.87 14.17 -5.72
C VAL A 172 -1.86 14.86 -7.07
N ARG A 173 -1.82 14.05 -8.11
CA ARG A 173 -1.99 14.54 -9.49
C ARG A 173 -2.81 13.54 -10.28
N THR A 174 -3.45 14.02 -11.34
CA THR A 174 -4.11 13.14 -12.32
CA THR A 174 -4.11 13.13 -12.31
C THR A 174 -2.98 12.34 -13.01
N ASP A 175 -3.17 11.06 -13.18
CA ASP A 175 -2.11 10.22 -13.76
C ASP A 175 -2.41 10.05 -15.25
N THR A 176 -1.52 10.58 -16.09
CA THR A 176 -1.58 10.44 -17.55
C THR A 176 -0.72 9.23 -17.97
N GLY A 177 -0.29 8.41 -17.01
CA GLY A 177 0.50 7.20 -17.27
C GLY A 177 -0.36 6.05 -17.80
N GLU A 178 0.19 4.85 -17.71
CA GLU A 178 -0.43 3.64 -18.30
C GLU A 178 -1.79 3.40 -17.66
N PRO A 179 -2.91 3.41 -18.44
CA PRO A 179 -4.24 3.23 -17.84
C PRO A 179 -4.37 1.88 -17.12
N MET A 180 -4.95 1.87 -15.92
CA MET A 180 -5.08 0.67 -15.05
C MET A 180 -6.43 -0.03 -15.14
N GLY A 181 -7.48 0.61 -15.61
CA GLY A 181 -8.77 -0.12 -15.68
C GLY A 181 -9.49 0.02 -14.36
N ARG A 182 -8.95 -0.60 -13.31
CA ARG A 182 -9.47 -0.44 -11.94
C ARG A 182 -8.48 -1.04 -10.95
N GLY A 183 -8.29 -0.37 -9.82
CA GLY A 183 -7.52 -0.93 -8.69
C GLY A 183 -6.47 0.03 -8.20
N THR A 184 -5.45 -0.55 -7.58
CA THR A 184 -4.39 0.21 -6.91
C THR A 184 -3.04 -0.44 -7.19
N LYS A 185 -2.07 0.39 -7.49
CA LYS A 185 -0.65 0.01 -7.62
CA LYS A 185 -0.65 0.00 -7.59
C LYS A 185 0.13 0.76 -6.52
N VAL A 186 0.80 0.04 -5.64
CA VAL A 186 1.67 0.64 -4.60
C VAL A 186 3.09 0.41 -5.07
N ILE A 187 3.77 1.49 -5.40
CA ILE A 187 5.16 1.43 -5.93
C ILE A 187 6.09 1.81 -4.79
N LEU A 188 6.86 0.86 -4.29
CA LEU A 188 7.83 1.10 -3.20
C LEU A 188 9.17 1.41 -3.84
N HIS A 189 9.66 2.63 -3.65
CA HIS A 189 11.02 3.06 -4.07
C HIS A 189 11.94 2.69 -2.91
N LEU A 190 12.57 1.54 -2.96
CA LEU A 190 13.22 0.95 -1.78
C LEU A 190 14.43 1.77 -1.34
N LYS A 191 14.63 1.84 -0.01
CA LYS A 191 15.90 2.31 0.58
C LYS A 191 17.06 1.46 0.03
N GLU A 192 18.24 2.05 -0.09
CA GLU A 192 19.42 1.39 -0.68
C GLU A 192 19.77 0.10 0.08
N ASP A 193 19.53 0.05 1.39
CA ASP A 193 19.91 -1.13 2.22
C ASP A 193 18.75 -2.13 2.32
N GLN A 194 17.67 -1.95 1.56
CA GLN A 194 16.49 -2.86 1.63
C GLN A 194 16.26 -3.60 0.29
N THR A 195 17.30 -3.81 -0.51
CA THR A 195 17.15 -4.43 -1.85
C THR A 195 16.90 -5.94 -1.72
N GLU A 196 17.01 -6.52 -0.53
CA GLU A 196 16.65 -7.96 -0.38
C GLU A 196 15.19 -8.19 -0.80
N TYR A 197 14.32 -7.19 -0.71
CA TYR A 197 12.88 -7.36 -1.04
C TYR A 197 12.65 -7.32 -2.55
N LEU A 198 13.70 -7.26 -3.35
CA LEU A 198 13.60 -7.46 -4.82
C LEU A 198 14.01 -8.87 -5.20
N GLU A 199 14.54 -9.65 -4.27
CA GLU A 199 15.03 -11.03 -4.56
CA GLU A 199 15.03 -11.03 -4.56
C GLU A 199 13.86 -12.02 -4.53
N GLU A 200 13.73 -12.80 -5.60
CA GLU A 200 12.60 -13.76 -5.73
C GLU A 200 12.52 -14.65 -4.49
N ARG A 201 13.62 -15.24 -4.05
CA ARG A 201 13.58 -16.20 -2.92
C ARG A 201 13.08 -15.50 -1.65
N ARG A 202 13.46 -14.24 -1.46
CA ARG A 202 13.07 -13.52 -0.23
C ARG A 202 11.57 -13.22 -0.29
N ILE A 203 11.10 -12.71 -1.43
CA ILE A 203 9.66 -12.39 -1.59
C ILE A 203 8.85 -13.67 -1.42
N LYS A 204 9.23 -14.76 -2.07
CA LYS A 204 8.49 -16.05 -1.94
C LYS A 204 8.42 -16.46 -0.47
N GLU A 205 9.53 -16.32 0.26
CA GLU A 205 9.60 -16.72 1.69
C GLU A 205 8.58 -15.92 2.49
N ILE A 206 8.52 -14.61 2.26
CA ILE A 206 7.63 -13.72 3.04
C ILE A 206 6.17 -14.03 2.71
N VAL A 207 5.84 -14.24 1.43
CA VAL A 207 4.44 -14.52 1.04
C VAL A 207 4.03 -15.85 1.67
N LYS A 208 4.89 -16.86 1.65
CA LYS A 208 4.58 -18.20 2.21
C LYS A 208 4.38 -18.08 3.73
N LYS A 209 5.21 -17.26 4.39
CA LYS A 209 5.21 -17.12 5.87
C LYS A 209 3.95 -16.40 6.34
N HIS A 210 3.56 -15.32 5.66
CA HIS A 210 2.55 -14.36 6.19
C HIS A 210 1.25 -14.24 5.38
N SER A 211 1.24 -14.69 4.13
CA SER A 211 0.11 -14.43 3.19
C SER A 211 -0.36 -15.74 2.55
N GLN A 212 -0.16 -16.88 3.21
CA GLN A 212 -0.46 -18.23 2.66
C GLN A 212 -1.97 -18.43 2.45
N PHE A 213 -2.84 -17.72 3.18
CA PHE A 213 -4.31 -17.94 3.15
C PHE A 213 -5.08 -16.81 2.47
N ILE A 214 -4.43 -15.88 1.79
CA ILE A 214 -5.10 -14.81 1.01
C ILE A 214 -5.91 -15.45 -0.14
N GLY A 215 -7.15 -15.02 -0.32
CA GLY A 215 -8.16 -15.67 -1.17
C GLY A 215 -8.16 -15.14 -2.60
N TYR A 216 -7.02 -14.66 -3.06
CA TYR A 216 -6.82 -14.16 -4.43
C TYR A 216 -5.47 -14.67 -4.91
N PRO A 217 -5.31 -14.91 -6.22
CA PRO A 217 -4.02 -15.31 -6.75
C PRO A 217 -3.01 -14.19 -6.53
N ILE A 218 -1.84 -14.59 -6.02
CA ILE A 218 -0.67 -13.69 -5.86
C ILE A 218 0.37 -14.20 -6.84
N THR A 219 0.70 -13.38 -7.83
CA THR A 219 1.69 -13.74 -8.86
C THR A 219 2.95 -12.92 -8.62
N LEU A 220 4.04 -13.61 -8.32
CA LEU A 220 5.36 -12.99 -8.19
C LEU A 220 5.98 -12.96 -9.59
N PHE A 221 6.08 -11.79 -10.17
CA PHE A 221 6.73 -11.61 -11.49
C PHE A 221 8.24 -11.86 -11.34
N VAL A 222 8.84 -12.35 -12.42
CA VAL A 222 10.28 -12.64 -12.53
C VAL A 222 10.92 -11.57 -13.42
N GLU A 223 12.22 -11.43 -13.31
CA GLU A 223 12.96 -10.41 -14.08
C GLU A 223 13.87 -11.08 -15.10
N LYS A 224 14.07 -10.44 -16.25
CA LYS A 224 15.25 -10.67 -17.12
C LYS A 224 16.49 -10.44 -16.25
N GLU A 225 17.38 -11.43 -16.15
CA GLU A 225 18.67 -11.30 -15.41
C GLU A 225 19.64 -10.46 -16.26
C1 GOL B . -12.70 3.65 1.37
O1 GOL B . -11.69 2.77 1.88
C2 GOL B . -13.69 2.90 0.51
O2 GOL B . -12.98 2.01 -0.34
C3 GOL B . -14.70 2.11 1.32
O3 GOL B . -14.05 1.36 2.34
C1 EDO C . 2.06 -17.50 -4.10
O1 EDO C . 2.66 -16.31 -4.56
C2 EDO C . 0.91 -17.25 -3.17
O2 EDO C . 0.99 -18.01 -1.98
C1 GOL D . -8.05 -10.80 6.71
O1 GOL D . -9.28 -10.59 7.41
C2 GOL D . -7.93 -9.88 5.52
O2 GOL D . -7.73 -8.52 5.96
C3 GOL D . -6.80 -10.29 4.60
O3 GOL D . -5.54 -10.23 5.28
C1 GOL E . -1.58 -3.06 -16.32
O1 GOL E . -1.89 -2.91 -17.71
C2 GOL E . -1.75 -1.76 -15.56
O2 GOL E . -0.86 -0.76 -16.08
C3 GOL E . -1.47 -1.92 -14.08
O3 GOL E . -0.49 -2.92 -13.81
C1 GOL F . -5.45 1.38 2.19
O1 GOL F . -4.67 2.14 3.07
C2 GOL F . -4.85 1.32 0.80
O2 GOL F . -5.33 0.12 0.23
C3 GOL F . -3.34 1.34 0.71
O3 GOL F . -2.74 0.05 0.56
C1 EDO G . 2.44 10.85 -11.77
O1 EDO G . 1.33 10.82 -12.64
C2 EDO G . 2.97 9.51 -11.45
O2 EDO G . 3.94 9.58 -10.44
#